data_2BE9
#
_entry.id   2BE9
#
_cell.length_a   131.932
_cell.length_b   131.932
_cell.length_c   139.132
_cell.angle_alpha   90.00
_cell.angle_beta   90.00
_cell.angle_gamma   120.00
#
_symmetry.space_group_name_H-M   'P 63 2 2'
#
loop_
_entity.id
_entity.type
_entity.pdbx_description
1 polymer 'Aspartate carbamoyltransferase'
2 polymer 'Aspartate carbamoyltransferase regulatory chain'
3 non-polymer 'ZINC ION'
4 non-polymer 'SULFATE ION'
5 non-polymer "CYTIDINE-5'-TRIPHOSPHATE"
6 water water
#
loop_
_entity_poly.entity_id
_entity_poly.type
_entity_poly.pdbx_seq_one_letter_code
_entity_poly.pdbx_strand_id
1 'polypeptide(L)'
;MLKHIISAYNFSRDELEDIFALTDKYSKNLNDTRKILSGKTISIAFFEPSTRTYLSFQKAIINLGGDVIGFSGEESTSVA
KGENLADTIRMLNNYSDGIVMRHKYDGASRFASEISDIPVINAGDGKHEHPTQAVIDIYTINKHFNTIDGLVFALLGDLK
YARTVNSLLRILTRFRPKLVYLISPQLLRARKEILDELNYPVKEVENPFEVINEVDVLYVTRIQKERFVDEMEYEKIKGS
YIVSLDLANKMKKDSIILHPLPRVNEIDRKVDKTTKAKYFEQASYGVPVRMSILTKIYGE
;
A
2 'polypeptide(L)'
;MEFMMEIQGNRKELMVSKIKNGTVIDHIPAGRAFAVLNVLGIKGHEGFRIALVINVDSKKMGKKDIVKIEDKEISDTEAN
LITLIAPTATINIVREYEVVKKTKLEVPKVVKGILKCPNPYCITSNDVEAIPTFKTLTEKPLKMRCEYCETIIDENEIMS
QILGANNK
;
B
#
# COMPACT_ATOMS: atom_id res chain seq x y z
N MET A 1 -4.52 18.88 6.04
CA MET A 1 -4.79 18.33 7.40
C MET A 1 -5.05 16.81 7.38
N LEU A 2 -4.62 16.11 8.44
CA LEU A 2 -4.88 14.68 8.55
C LEU A 2 -6.37 14.35 8.61
N LYS A 3 -6.74 13.32 7.85
CA LYS A 3 -8.10 12.80 7.87
C LYS A 3 -8.10 11.26 7.81
N HIS A 4 -7.91 10.71 6.62
CA HIS A 4 -7.81 9.25 6.51
C HIS A 4 -6.38 8.85 6.86
N ILE A 5 -6.21 7.83 7.68
CA ILE A 5 -4.86 7.37 7.95
C ILE A 5 -4.64 6.03 7.26
N ILE A 6 -4.19 6.06 6.02
CA ILE A 6 -4.11 4.80 5.28
C ILE A 6 -2.69 4.33 5.04
N SER A 7 -1.80 5.27 4.80
CA SER A 7 -0.40 4.95 4.59
C SER A 7 0.47 5.74 5.55
N ALA A 8 1.64 5.19 5.88
CA ALA A 8 2.65 6.00 6.55
C ALA A 8 2.93 7.30 5.75
N TYR A 9 2.71 7.27 4.45
CA TYR A 9 2.90 8.47 3.61
C TYR A 9 1.95 9.62 3.90
N ASN A 10 0.80 9.34 4.51
CA ASN A 10 -0.11 10.39 4.96
C ASN A 10 0.49 11.42 5.92
N PHE A 11 1.52 11.04 6.64
CA PHE A 11 2.17 11.92 7.62
C PHE A 11 3.32 12.73 7.00
N SER A 12 3.39 14.00 7.34
CA SER A 12 4.58 14.79 7.04
C SER A 12 5.50 14.76 8.25
N ARG A 13 6.74 15.21 8.08
CA ARG A 13 7.68 15.32 9.20
C ARG A 13 7.10 16.22 10.28
N ASP A 14 6.48 17.31 9.86
CA ASP A 14 5.81 18.25 10.76
C ASP A 14 4.69 17.61 11.56
N GLU A 15 3.90 16.76 10.93
CA GLU A 15 2.79 16.18 11.66
C GLU A 15 3.30 15.18 12.69
N LEU A 16 4.36 14.46 12.33
CA LEU A 16 4.94 13.49 13.24
C LEU A 16 5.51 14.14 14.52
N GLU A 17 6.22 15.26 14.35
CA GLU A 17 6.83 15.95 15.48
C GLU A 17 5.72 16.45 16.41
N ASP A 18 4.65 16.94 15.80
CA ASP A 18 3.49 17.38 16.53
C ASP A 18 2.88 16.24 17.34
N ILE A 19 2.79 15.08 16.68
CA ILE A 19 2.25 13.89 17.29
C ILE A 19 3.13 13.43 18.46
N PHE A 20 4.46 13.52 18.30
CA PHE A 20 5.37 13.15 19.37
C PHE A 20 5.12 14.02 20.61
N ALA A 21 5.03 15.33 20.40
CA ALA A 21 4.73 16.26 21.48
C ALA A 21 3.40 15.92 22.18
N LEU A 22 2.37 15.64 21.40
CA LEU A 22 1.07 15.33 21.98
C LEU A 22 1.18 14.03 22.75
N THR A 23 1.91 13.05 22.19
CA THR A 23 2.15 11.79 22.89
C THR A 23 2.84 12.01 24.23
N ASP A 24 3.91 12.81 24.26
CA ASP A 24 4.58 13.22 25.51
C ASP A 24 3.54 13.74 26.50
N LYS A 25 2.69 14.66 26.03
CA LYS A 25 1.65 15.20 26.91
C LYS A 25 0.69 14.13 27.46
N TYR A 26 0.19 13.25 26.59
CA TYR A 26 -0.78 12.22 26.98
C TYR A 26 -0.18 11.07 27.81
N SER A 27 1.12 10.82 27.61
CA SER A 27 1.94 9.90 28.42
C SER A 27 1.97 10.22 29.92
N LYS A 28 2.22 11.48 30.25
CA LYS A 28 2.25 11.96 31.64
C LYS A 28 0.79 12.07 32.06
N ASN A 29 0.16 10.91 32.24
CA ASN A 29 -1.31 10.68 32.19
C ASN A 29 -2.26 11.57 33.04
N LEU A 30 -2.14 12.89 32.90
CA LEU A 30 -2.96 13.82 33.66
C LEU A 30 -4.45 13.49 33.54
N ASN A 31 -5.20 13.79 34.59
CA ASN A 31 -6.64 13.51 34.60
C ASN A 31 -7.49 14.65 34.00
N ASP A 32 -6.82 15.60 33.34
CA ASP A 32 -7.54 16.69 32.66
C ASP A 32 -7.28 16.75 31.13
N THR A 33 -7.06 15.59 30.52
CA THR A 33 -6.91 15.54 29.06
C THR A 33 -8.22 15.99 28.39
N ARG A 34 -8.10 16.81 27.35
CA ARG A 34 -9.23 17.36 26.64
C ARG A 34 -10.05 16.28 25.90
N LYS A 35 -11.34 16.17 26.22
CA LYS A 35 -12.21 15.11 25.65
C LYS A 35 -12.69 15.39 24.21
N ILE A 36 -11.75 15.44 23.28
CA ILE A 36 -12.01 15.83 21.91
C ILE A 36 -12.99 14.91 21.15
N LEU A 37 -13.22 13.70 21.66
CA LEU A 37 -14.18 12.79 21.05
C LEU A 37 -15.51 12.70 21.80
N SER A 38 -15.75 13.64 22.71
CA SER A 38 -16.99 13.68 23.44
C SER A 38 -18.18 13.85 22.49
N GLY A 39 -19.21 13.02 22.66
CA GLY A 39 -20.38 13.02 21.78
C GLY A 39 -20.11 12.40 20.42
N LYS A 40 -18.95 11.75 20.27
CA LYS A 40 -18.64 11.11 19.00
C LYS A 40 -18.52 9.60 19.16
N THR A 41 -18.90 8.88 18.11
CA THR A 41 -18.80 7.43 18.14
C THR A 41 -17.79 6.99 17.09
N ILE A 42 -16.74 6.32 17.54
CA ILE A 42 -15.82 5.66 16.61
C ILE A 42 -16.14 4.18 16.49
N SER A 43 -16.25 3.66 15.26
CA SER A 43 -16.44 2.21 15.08
C SER A 43 -15.13 1.53 14.79
N ILE A 44 -14.95 0.40 15.48
CA ILE A 44 -13.74 -0.42 15.34
C ILE A 44 -14.11 -1.70 14.60
N ALA A 45 -13.78 -1.71 13.31
CA ALA A 45 -14.24 -2.73 12.35
C ALA A 45 -13.08 -3.66 12.06
N PHE A 46 -12.92 -4.69 12.87
CA PHE A 46 -11.78 -5.55 12.72
C PHE A 46 -12.22 -6.81 12.00
N PHE A 47 -12.27 -6.73 10.67
CA PHE A 47 -12.68 -7.85 9.82
C PHE A 47 -11.71 -8.98 10.00
N GLU A 48 -10.44 -8.63 10.13
CA GLU A 48 -9.42 -9.55 10.51
C GLU A 48 -9.22 -9.21 11.98
N PRO A 49 -9.36 -10.20 12.85
CA PRO A 49 -9.21 -9.94 14.30
C PRO A 49 -7.79 -9.62 14.71
N SER A 50 -7.66 -8.67 15.64
CA SER A 50 -6.46 -8.51 16.49
C SER A 50 -6.89 -7.84 17.78
N THR A 51 -6.81 -8.56 18.89
CA THR A 51 -7.27 -8.03 20.17
C THR A 51 -6.33 -6.96 20.74
N ARG A 52 -5.01 -7.17 20.62
CA ARG A 52 -4.07 -6.14 21.09
C ARG A 52 -4.39 -4.76 20.47
N THR A 53 -4.51 -4.70 19.13
CA THR A 53 -4.71 -3.41 18.42
C THR A 53 -6.13 -2.92 18.59
N TYR A 54 -7.07 -3.85 18.70
CA TYR A 54 -8.45 -3.48 19.00
C TYR A 54 -8.50 -2.63 20.31
N LEU A 55 -7.88 -3.17 21.36
CA LEU A 55 -8.00 -2.65 22.70
C LEU A 55 -7.25 -1.34 22.84
N SER A 56 -6.14 -1.26 22.15
CA SER A 56 -5.33 -0.06 22.08
C SER A 56 -6.16 1.12 21.57
N PHE A 57 -6.82 0.93 20.43
CA PHE A 57 -7.63 2.00 19.88
C PHE A 57 -8.83 2.32 20.77
N GLN A 58 -9.49 1.27 21.27
CA GLN A 58 -10.63 1.48 22.14
C GLN A 58 -10.23 2.32 23.34
N LYS A 59 -9.12 1.98 23.98
CA LYS A 59 -8.68 2.73 25.14
C LYS A 59 -8.36 4.20 24.80
N ALA A 60 -7.60 4.41 23.73
CA ALA A 60 -7.39 5.72 23.13
C ALA A 60 -8.70 6.50 22.99
N ILE A 61 -9.71 5.87 22.38
CA ILE A 61 -10.98 6.55 22.18
C ILE A 61 -11.70 6.87 23.51
N ILE A 62 -11.73 5.88 24.42
CA ILE A 62 -12.30 6.07 25.75
C ILE A 62 -11.62 7.26 26.46
N ASN A 63 -10.29 7.33 26.39
CA ASN A 63 -9.54 8.38 27.08
C ASN A 63 -9.91 9.77 26.57
N LEU A 64 -10.42 9.81 25.35
CA LEU A 64 -10.77 11.04 24.65
C LEU A 64 -12.26 11.35 24.70
N GLY A 65 -13.03 10.58 25.49
CA GLY A 65 -14.45 10.83 25.69
C GLY A 65 -15.36 10.24 24.62
N GLY A 66 -14.78 9.51 23.65
CA GLY A 66 -15.59 8.86 22.62
C GLY A 66 -16.34 7.61 23.08
N ASP A 67 -17.44 7.32 22.39
CA ASP A 67 -18.11 6.01 22.46
C ASP A 67 -17.59 5.05 21.39
N VAL A 68 -17.58 3.78 21.76
CA VAL A 68 -17.05 2.73 20.93
C VAL A 68 -18.13 1.71 20.56
N ILE A 69 -18.27 1.48 19.26
CA ILE A 69 -18.96 0.32 18.72
C ILE A 69 -17.97 -0.41 17.78
N GLY A 70 -18.22 -1.69 17.54
CA GLY A 70 -17.37 -2.38 16.60
C GLY A 70 -17.65 -3.85 16.54
N PHE A 71 -16.80 -4.55 15.81
CA PHE A 71 -16.95 -5.97 15.66
C PHE A 71 -15.59 -6.57 15.39
N SER A 72 -15.47 -7.84 15.72
CA SER A 72 -14.25 -8.60 15.42
C SER A 72 -14.62 -9.98 14.85
N GLY A 73 -14.21 -10.22 13.60
CA GLY A 73 -14.43 -11.50 12.88
C GLY A 73 -15.63 -11.50 11.92
N GLU A 74 -15.81 -12.61 11.19
CA GLU A 74 -16.85 -12.78 10.15
C GLU A 74 -16.96 -11.54 9.25
N GLY A 82 -22.73 -12.75 2.14
CA GLY A 82 -21.51 -12.24 1.46
C GLY A 82 -21.58 -10.75 1.12
N GLU A 83 -21.72 -9.92 2.17
CA GLU A 83 -21.68 -8.48 2.02
C GLU A 83 -20.29 -7.95 1.71
N ASN A 84 -20.22 -7.31 0.57
CA ASN A 84 -19.37 -6.18 0.21
C ASN A 84 -18.64 -5.38 1.30
N LEU A 85 -17.35 -5.11 1.12
CA LEU A 85 -16.69 -4.11 1.98
C LEU A 85 -17.36 -2.75 1.82
N ALA A 86 -17.60 -2.34 0.58
CA ALA A 86 -18.25 -1.05 0.33
C ALA A 86 -19.53 -0.91 1.15
N ASP A 87 -20.44 -1.87 1.06
CA ASP A 87 -21.69 -1.81 1.81
C ASP A 87 -21.47 -1.72 3.32
N THR A 88 -20.46 -2.44 3.80
CA THR A 88 -20.14 -2.38 5.21
C THR A 88 -19.69 -0.98 5.58
N ILE A 89 -18.84 -0.39 4.74
CA ILE A 89 -18.36 0.96 5.03
C ILE A 89 -19.51 1.97 5.03
N ARG A 90 -20.45 1.82 4.09
CA ARG A 90 -21.64 2.69 4.06
C ARG A 90 -22.46 2.58 5.34
N MET A 91 -22.57 1.36 5.87
CA MET A 91 -23.29 1.09 7.11
C MET A 91 -22.60 1.80 8.28
N LEU A 92 -21.27 1.69 8.38
CA LEU A 92 -20.58 2.34 9.50
C LEU A 92 -20.71 3.85 9.49
N ASN A 93 -20.80 4.42 8.29
CA ASN A 93 -21.12 5.83 8.14
C ASN A 93 -22.48 6.23 8.71
N ASN A 94 -23.50 5.37 8.66
CA ASN A 94 -24.71 5.69 9.41
C ASN A 94 -24.42 5.75 10.87
N TYR A 95 -23.64 4.79 11.36
CA TYR A 95 -23.57 4.59 12.81
C TYR A 95 -22.53 5.39 13.55
N SER A 96 -21.57 5.99 12.85
CA SER A 96 -20.36 6.47 13.55
C SER A 96 -19.72 7.70 12.91
N ASP A 97 -18.71 8.24 13.58
CA ASP A 97 -18.04 9.47 13.16
C ASP A 97 -16.59 9.23 12.71
N GLY A 98 -16.16 7.97 12.72
CA GLY A 98 -14.82 7.59 12.27
C GLY A 98 -14.76 6.09 12.30
N ILE A 99 -13.88 5.51 11.48
CA ILE A 99 -13.75 4.07 11.44
C ILE A 99 -12.30 3.71 11.61
N VAL A 100 -12.02 2.75 12.47
CA VAL A 100 -10.70 2.16 12.57
C VAL A 100 -10.86 0.73 12.05
N MET A 101 -10.24 0.41 10.94
CA MET A 101 -10.40 -0.94 10.39
C MET A 101 -9.10 -1.71 10.22
N ARG A 102 -9.20 -3.02 10.42
CA ARG A 102 -8.17 -3.98 10.08
C ARG A 102 -8.83 -5.01 9.18
N HIS A 103 -8.14 -5.35 8.09
CA HIS A 103 -8.70 -6.23 7.05
C HIS A 103 -7.61 -7.11 6.42
N LYS A 104 -8.01 -8.32 5.99
CA LYS A 104 -7.07 -9.26 5.36
C LYS A 104 -6.70 -8.90 3.91
N TYR A 105 -7.45 -7.99 3.28
CA TYR A 105 -7.16 -7.65 1.88
C TYR A 105 -6.31 -6.38 1.74
N ASP A 106 -5.24 -6.45 0.95
CA ASP A 106 -4.40 -5.28 0.71
C ASP A 106 -5.21 -4.19 0.02
N GLY A 107 -5.09 -2.97 0.53
CA GLY A 107 -5.73 -1.81 -0.05
C GLY A 107 -7.13 -1.63 0.49
N ALA A 108 -7.50 -2.38 1.52
CA ALA A 108 -8.89 -2.33 1.98
C ALA A 108 -9.19 -0.97 2.60
N SER A 109 -8.21 -0.43 3.31
CA SER A 109 -8.37 0.86 3.97
C SER A 109 -8.44 2.00 2.96
N ARG A 110 -7.58 1.93 1.94
CA ARG A 110 -7.61 2.92 0.88
C ARG A 110 -9.00 2.96 0.19
N PHE A 111 -9.52 1.78 -0.16
CA PHE A 111 -10.82 1.70 -0.78
C PHE A 111 -11.92 2.19 0.18
N ALA A 112 -11.86 1.76 1.44
CA ALA A 112 -12.83 2.20 2.43
C ALA A 112 -12.86 3.71 2.52
N SER A 113 -11.69 4.32 2.58
CA SER A 113 -11.61 5.76 2.70
C SER A 113 -12.14 6.47 1.48
N GLU A 114 -12.27 5.77 0.35
CA GLU A 114 -12.83 6.36 -0.86
C GLU A 114 -14.34 6.31 -0.85
N ILE A 115 -14.90 5.28 -0.21
CA ILE A 115 -16.35 5.14 -0.10
C ILE A 115 -16.89 6.05 1.01
N SER A 116 -16.04 6.33 1.99
CA SER A 116 -16.48 6.86 3.28
C SER A 116 -16.44 8.38 3.36
N ASP A 117 -17.41 8.96 4.05
CA ASP A 117 -17.33 10.38 4.36
C ASP A 117 -16.55 10.62 5.64
N ILE A 118 -16.83 9.82 6.67
CA ILE A 118 -16.09 9.88 7.91
C ILE A 118 -14.63 9.35 7.76
N PRO A 119 -13.70 9.83 8.59
CA PRO A 119 -12.31 9.36 8.56
C PRO A 119 -12.18 7.85 8.71
N VAL A 120 -11.28 7.24 7.92
CA VAL A 120 -10.92 5.84 8.06
C VAL A 120 -9.46 5.75 8.49
N ILE A 121 -9.22 4.95 9.53
CA ILE A 121 -7.89 4.71 10.07
C ILE A 121 -7.53 3.25 9.83
N ASN A 122 -6.45 3.05 9.09
CA ASN A 122 -5.92 1.71 8.79
C ASN A 122 -5.14 1.10 9.94
N ALA A 123 -5.72 0.07 10.57
CA ALA A 123 -5.05 -0.66 11.64
C ALA A 123 -4.45 -1.95 11.10
N GLY A 124 -4.29 -2.01 9.78
CA GLY A 124 -3.70 -3.17 9.12
C GLY A 124 -4.55 -3.58 7.92
N ASP A 125 -3.90 -3.64 6.76
CA ASP A 125 -4.57 -4.08 5.55
C ASP A 125 -3.71 -5.15 4.85
N GLY A 126 -4.13 -6.41 4.94
CA GLY A 126 -3.37 -7.53 4.41
C GLY A 126 -1.91 -7.52 4.81
N LYS A 127 -1.03 -7.54 3.82
CA LYS A 127 0.40 -7.52 4.06
C LYS A 127 0.95 -6.19 3.60
N HIS A 128 0.04 -5.24 3.43
CA HIS A 128 0.36 -3.93 2.91
C HIS A 128 0.99 -2.99 3.94
N GLU A 129 0.18 -2.37 4.81
CA GLU A 129 0.65 -1.37 5.79
C GLU A 129 -0.01 -1.46 7.18
N HIS A 130 0.60 -0.77 8.14
CA HIS A 130 0.11 -0.70 9.51
C HIS A 130 0.62 0.66 10.01
N PRO A 131 0.10 1.75 9.43
CA PRO A 131 0.76 3.05 9.55
C PRO A 131 0.84 3.61 10.97
N THR A 132 -0.15 3.34 11.81
CA THR A 132 -0.12 3.87 13.18
C THR A 132 0.91 3.16 14.06
N GLN A 133 1.20 1.89 13.74
CA GLN A 133 2.33 1.16 14.32
C GLN A 133 3.64 1.87 14.02
N ALA A 134 3.81 2.39 12.80
CA ALA A 134 5.08 3.03 12.39
C ALA A 134 5.29 4.32 13.18
N VAL A 135 4.18 5.01 13.43
CA VAL A 135 4.18 6.20 14.25
C VAL A 135 4.62 5.80 15.64
N ILE A 136 4.11 4.68 16.16
CA ILE A 136 4.47 4.24 17.49
C ILE A 136 5.96 3.85 17.55
N ASP A 137 6.41 3.13 16.53
CA ASP A 137 7.78 2.71 16.41
C ASP A 137 8.75 3.90 16.44
N ILE A 138 8.54 4.87 15.55
CA ILE A 138 9.46 6.02 15.50
C ILE A 138 9.33 6.94 16.69
N TYR A 139 8.14 7.00 17.32
CA TYR A 139 8.01 7.80 18.53
C TYR A 139 8.92 7.24 19.61
N THR A 140 9.00 5.90 19.67
CA THR A 140 9.76 5.20 20.69
C THR A 140 11.24 5.50 20.48
N ILE A 141 11.68 5.41 19.23
CA ILE A 141 13.05 5.68 18.81
C ILE A 141 13.43 7.14 19.08
N ASN A 142 12.52 8.05 18.74
CA ASN A 142 12.77 9.44 18.92
C ASN A 142 12.82 9.81 20.40
N LYS A 143 11.98 9.13 21.19
CA LYS A 143 12.04 9.32 22.62
C LYS A 143 13.42 8.89 23.14
N HIS A 144 13.93 7.76 22.69
CA HIS A 144 15.18 7.26 23.26
C HIS A 144 16.42 8.06 22.86
N PHE A 145 16.55 8.38 21.57
CA PHE A 145 17.74 8.99 21.03
C PHE A 145 17.64 10.51 20.87
N ASN A 146 16.48 11.07 21.17
CA ASN A 146 16.20 12.49 20.87
C ASN A 146 16.37 12.88 19.40
N THR A 147 16.36 11.88 18.53
CA THR A 147 16.52 12.06 17.10
C THR A 147 16.09 10.78 16.40
N ILE A 148 15.81 10.91 15.10
CA ILE A 148 15.63 9.77 14.22
C ILE A 148 16.66 9.91 13.13
N ASP A 149 16.90 11.15 12.70
CA ASP A 149 17.96 11.46 11.76
C ASP A 149 19.29 10.89 12.23
N GLY A 150 20.07 10.35 11.30
CA GLY A 150 21.43 9.93 11.57
C GLY A 150 21.59 8.60 12.26
N LEU A 151 20.49 7.94 12.60
CA LEU A 151 20.54 6.64 13.28
C LEU A 151 20.81 5.51 12.30
N VAL A 152 21.36 4.41 12.82
CA VAL A 152 21.59 3.22 12.02
C VAL A 152 20.61 2.13 12.46
N PHE A 153 19.82 1.65 11.50
CA PHE A 153 18.74 0.71 11.78
C PHE A 153 19.09 -0.67 11.28
N ALA A 154 18.48 -1.68 11.89
CA ALA A 154 18.48 -3.01 11.32
C ALA A 154 17.13 -3.69 11.50
N LEU A 155 16.54 -4.00 10.37
CA LEU A 155 15.32 -4.76 10.32
C LEU A 155 15.69 -6.24 10.21
N LEU A 156 15.12 -7.04 11.10
CA LEU A 156 15.49 -8.44 11.25
C LEU A 156 14.26 -9.34 11.25
N GLY A 157 14.27 -10.35 10.38
CA GLY A 157 13.20 -11.33 10.33
C GLY A 157 12.56 -11.37 8.96
N ASP A 158 11.23 -11.27 8.91
CA ASP A 158 10.51 -11.25 7.65
C ASP A 158 10.33 -9.82 7.16
N LEU A 159 10.97 -9.50 6.04
CA LEU A 159 10.93 -8.15 5.51
C LEU A 159 10.12 -8.06 4.22
N LYS A 160 9.46 -9.15 3.89
CA LYS A 160 8.68 -9.22 2.66
C LYS A 160 7.18 -9.11 2.92
N TYR A 161 6.69 -9.84 3.92
CA TYR A 161 5.27 -9.94 4.15
C TYR A 161 4.81 -9.26 5.42
N ALA A 162 5.62 -8.33 5.91
CA ALA A 162 5.33 -7.63 7.17
C ALA A 162 4.91 -6.16 6.99
N ARG A 163 3.60 -5.93 6.97
CA ARG A 163 3.06 -4.58 6.92
C ARG A 163 3.72 -3.56 7.86
N THR A 164 4.14 -4.01 9.04
CA THR A 164 4.81 -3.11 9.97
C THR A 164 6.14 -2.67 9.42
N VAL A 165 6.87 -3.60 8.80
CA VAL A 165 8.15 -3.27 8.13
C VAL A 165 7.92 -2.28 7.01
N ASN A 166 6.92 -2.57 6.18
CA ASN A 166 6.53 -1.69 5.09
C ASN A 166 6.25 -0.29 5.60
N SER A 167 5.38 -0.19 6.60
CA SER A 167 5.01 1.11 7.16
C SER A 167 6.21 1.80 7.79
N LEU A 168 7.08 1.03 8.44
CA LEU A 168 8.27 1.58 9.04
C LEU A 168 9.22 2.15 7.97
N LEU A 169 9.51 1.36 6.94
CA LEU A 169 10.41 1.83 5.87
C LEU A 169 9.87 3.12 5.23
N ARG A 170 8.58 3.17 4.97
CA ARG A 170 7.99 4.33 4.34
C ARG A 170 7.99 5.57 5.25
N ILE A 171 7.78 5.39 6.55
CA ILE A 171 7.70 6.53 7.45
C ILE A 171 9.07 7.17 7.66
N LEU A 172 10.10 6.35 7.51
CA LEU A 172 11.47 6.78 7.69
C LEU A 172 11.90 7.80 6.64
N THR A 173 11.25 7.75 5.48
CA THR A 173 11.50 8.69 4.40
C THR A 173 11.13 10.13 4.73
N ARG A 174 10.44 10.37 5.85
CA ARG A 174 10.25 11.76 6.31
C ARG A 174 11.44 12.21 7.15
N PHE A 175 12.39 11.30 7.36
CA PHE A 175 13.58 11.60 8.16
C PHE A 175 14.87 11.37 7.37
N ARG A 176 15.99 11.34 8.07
CA ARG A 176 17.28 11.13 7.42
C ARG A 176 18.10 10.08 8.16
N PRO A 177 17.72 8.78 8.04
CA PRO A 177 18.50 7.73 8.67
C PRO A 177 19.89 7.63 8.03
N LYS A 178 20.93 7.35 8.82
CA LYS A 178 22.27 7.13 8.26
C LYS A 178 22.22 5.91 7.34
N LEU A 179 21.67 4.82 7.86
CA LEU A 179 21.63 3.56 7.13
C LEU A 179 20.56 2.63 7.70
N VAL A 180 19.87 1.93 6.80
CA VAL A 180 18.95 0.87 7.22
C VAL A 180 19.43 -0.48 6.70
N TYR A 181 19.89 -1.33 7.62
CA TYR A 181 20.25 -2.70 7.29
C TYR A 181 19.00 -3.56 7.17
N LEU A 182 18.97 -4.39 6.13
CA LEU A 182 17.85 -5.28 5.90
C LEU A 182 18.34 -6.70 6.07
N ILE A 183 18.14 -7.27 7.24
CA ILE A 183 18.64 -8.61 7.57
C ILE A 183 17.51 -9.64 7.57
N SER A 184 17.50 -10.48 6.53
CA SER A 184 16.46 -11.49 6.34
C SER A 184 17.07 -12.66 5.64
N PRO A 185 16.39 -13.81 5.67
CA PRO A 185 16.82 -14.86 4.77
C PRO A 185 16.58 -14.42 3.34
N GLN A 186 17.23 -15.05 2.37
CA GLN A 186 17.09 -14.67 0.98
C GLN A 186 15.61 -14.55 0.56
N LEU A 187 14.80 -15.49 1.03
CA LEU A 187 13.39 -15.62 0.65
C LEU A 187 12.49 -14.44 1.06
N LEU A 188 12.86 -13.78 2.15
CA LEU A 188 12.00 -12.79 2.75
C LEU A 188 12.57 -11.37 2.66
N ARG A 189 13.19 -11.08 1.51
CA ARG A 189 13.75 -9.77 1.27
C ARG A 189 12.68 -8.73 0.96
N ALA A 190 12.89 -7.50 1.43
CA ALA A 190 11.99 -6.40 1.08
C ALA A 190 11.78 -6.37 -0.42
N ARG A 191 10.55 -6.08 -0.83
CA ARG A 191 10.20 -6.07 -2.26
C ARG A 191 10.87 -4.90 -2.99
N LYS A 192 11.46 -5.22 -4.15
CA LYS A 192 12.05 -4.21 -5.01
C LYS A 192 11.16 -2.96 -5.06
N GLU A 193 9.86 -3.17 -5.31
CA GLU A 193 8.87 -2.09 -5.39
C GLU A 193 9.02 -1.08 -4.24
N ILE A 194 9.09 -1.61 -3.01
CA ILE A 194 9.13 -0.82 -1.79
C ILE A 194 10.49 -0.12 -1.68
N LEU A 195 11.57 -0.87 -1.86
CA LEU A 195 12.92 -0.29 -1.79
C LEU A 195 13.16 0.86 -2.76
N ASP A 196 12.56 0.81 -3.95
CA ASP A 196 12.70 1.90 -4.92
C ASP A 196 12.03 3.21 -4.50
N GLU A 197 11.12 3.14 -3.53
CA GLU A 197 10.47 4.34 -3.00
C GLU A 197 11.43 5.10 -2.10
N LEU A 198 12.38 4.39 -1.50
CA LEU A 198 13.17 4.94 -0.40
C LEU A 198 14.22 5.96 -0.81
N ASN A 199 14.49 6.92 0.08
CA ASN A 199 15.39 8.03 -0.17
C ASN A 199 16.54 8.09 0.86
N TYR A 200 17.00 6.93 1.33
CA TYR A 200 18.10 6.85 2.30
C TYR A 200 18.86 5.56 2.09
N PRO A 201 20.14 5.52 2.52
CA PRO A 201 20.91 4.29 2.30
C PRO A 201 20.31 3.06 2.98
N VAL A 202 20.26 1.98 2.20
CA VAL A 202 19.76 0.70 2.60
C VAL A 202 20.85 -0.31 2.27
N LYS A 203 20.94 -1.40 3.02
CA LYS A 203 21.87 -2.48 2.65
C LYS A 203 21.38 -3.87 3.07
N GLU A 204 21.14 -4.72 2.07
CA GLU A 204 20.66 -6.07 2.33
C GLU A 204 21.80 -6.98 2.78
N VAL A 205 21.56 -7.71 3.85
CA VAL A 205 22.54 -8.60 4.47
C VAL A 205 21.78 -9.82 4.96
N GLU A 206 22.49 -10.93 5.16
CA GLU A 206 21.82 -12.18 5.54
C GLU A 206 22.04 -12.56 7.00
N ASN A 207 23.21 -12.25 7.55
CA ASN A 207 23.51 -12.54 8.97
C ASN A 207 23.74 -11.29 9.85
N PRO A 208 23.00 -11.18 10.96
CA PRO A 208 23.02 -10.00 11.83
C PRO A 208 24.35 -9.78 12.54
N PHE A 209 25.04 -10.86 12.90
CA PHE A 209 26.30 -10.73 13.65
C PHE A 209 27.38 -9.99 12.84
N GLU A 210 27.21 -9.92 11.52
CA GLU A 210 28.13 -9.22 10.62
C GLU A 210 28.12 -7.70 10.83
N VAL A 211 26.97 -7.16 11.27
CA VAL A 211 26.76 -5.72 11.40
C VAL A 211 26.16 -5.28 12.75
N ILE A 212 25.83 -6.24 13.60
CA ILE A 212 25.10 -5.96 14.86
C ILE A 212 25.74 -4.86 15.71
N ASN A 213 27.06 -4.71 15.60
CA ASN A 213 27.85 -3.75 16.37
C ASN A 213 27.58 -2.30 15.98
N GLU A 214 27.00 -2.10 14.81
CA GLU A 214 26.75 -0.76 14.28
C GLU A 214 25.36 -0.18 14.56
N VAL A 215 24.39 -1.03 14.86
CA VAL A 215 23.00 -0.58 14.85
C VAL A 215 22.58 0.13 16.14
N ASP A 216 21.86 1.24 15.97
CA ASP A 216 21.23 1.93 17.07
C ASP A 216 19.89 1.29 17.39
N VAL A 217 19.15 0.91 16.34
CA VAL A 217 17.81 0.35 16.46
C VAL A 217 17.74 -0.98 15.75
N LEU A 218 17.41 -2.02 16.51
CA LEU A 218 17.16 -3.36 15.98
C LEU A 218 15.67 -3.68 16.10
N TYR A 219 15.03 -3.89 14.96
CA TYR A 219 13.61 -4.04 14.85
C TYR A 219 13.37 -5.42 14.28
N VAL A 220 12.69 -6.28 15.06
CA VAL A 220 12.49 -7.67 14.68
C VAL A 220 11.04 -8.01 14.29
N THR A 221 10.89 -8.91 13.33
CA THR A 221 9.60 -9.49 12.99
C THR A 221 9.76 -11.00 12.93
N ARG A 222 8.66 -11.73 13.08
CA ARG A 222 8.69 -13.18 13.08
C ARG A 222 8.80 -13.76 11.66
N ILE A 223 9.58 -14.83 11.52
CA ILE A 223 9.57 -15.65 10.31
C ILE A 223 8.66 -16.84 10.58
N GLN A 224 7.83 -17.19 9.60
CA GLN A 224 6.88 -18.30 9.76
C GLN A 224 7.17 -19.47 8.83
N LYS A 225 7.08 -20.70 9.36
CA LYS A 225 7.34 -21.93 8.58
C LYS A 225 6.59 -21.94 7.25
N GLU A 226 5.28 -21.68 7.33
CA GLU A 226 4.33 -21.84 6.23
C GLU A 226 4.56 -20.79 5.14
N ARG A 227 5.72 -20.88 4.49
CA ARG A 227 6.24 -19.81 3.62
C ARG A 227 7.41 -20.34 2.77
N PHE A 228 8.25 -21.16 3.41
CA PHE A 228 9.43 -21.73 2.76
C PHE A 228 9.13 -22.88 1.79
N VAL A 229 10.12 -23.18 0.94
CA VAL A 229 10.02 -24.28 -0.02
C VAL A 229 9.64 -25.62 0.66
N ASP A 230 10.26 -25.90 1.81
CA ASP A 230 9.94 -27.06 2.63
C ASP A 230 10.31 -26.78 4.08
N GLU A 231 9.88 -27.65 4.98
CA GLU A 231 10.01 -27.45 6.42
C GLU A 231 11.47 -27.48 6.89
N MET A 232 12.33 -28.13 6.12
CA MET A 232 13.74 -28.21 6.41
C MET A 232 14.48 -26.87 6.25
N GLU A 233 14.12 -26.11 5.22
CA GLU A 233 14.79 -24.84 4.96
C GLU A 233 14.58 -23.89 6.12
N TYR A 234 13.31 -23.75 6.51
CA TYR A 234 12.92 -22.97 7.65
C TYR A 234 13.78 -23.36 8.86
N GLU A 235 13.73 -24.64 9.22
CA GLU A 235 14.48 -25.15 10.37
C GLU A 235 15.97 -24.84 10.29
N LYS A 236 16.53 -24.83 9.08
CA LYS A 236 17.95 -24.52 8.88
C LYS A 236 18.27 -23.02 8.99
N ILE A 237 17.28 -22.18 8.74
CA ILE A 237 17.49 -20.74 8.64
C ILE A 237 17.02 -20.01 9.90
N LYS A 238 15.99 -20.55 10.55
CA LYS A 238 15.26 -19.82 11.60
C LYS A 238 16.08 -19.36 12.80
N GLY A 239 17.03 -20.18 13.23
CA GLY A 239 17.77 -19.91 14.45
C GLY A 239 18.66 -18.67 14.43
N SER A 240 18.85 -18.08 13.24
CA SER A 240 19.75 -16.91 13.10
C SER A 240 19.01 -15.59 12.87
N TYR A 241 17.68 -15.63 12.98
CA TYR A 241 16.89 -14.41 12.94
C TYR A 241 16.15 -14.24 14.25
N ILE A 242 16.49 -15.12 15.19
CA ILE A 242 16.08 -15.01 16.58
C ILE A 242 16.97 -13.96 17.27
N VAL A 243 16.35 -13.03 18.00
CA VAL A 243 17.15 -12.15 18.85
C VAL A 243 17.53 -12.94 20.12
N SER A 244 18.80 -13.34 20.17
CA SER A 244 19.32 -14.10 21.32
C SER A 244 20.04 -13.17 22.29
N LEU A 245 20.30 -13.68 23.48
CA LEU A 245 21.05 -12.94 24.49
C LEU A 245 22.44 -12.53 23.99
N ASP A 246 23.06 -13.41 23.22
CA ASP A 246 24.37 -13.19 22.60
C ASP A 246 24.34 -12.02 21.62
N LEU A 247 23.28 -11.96 20.81
CA LEU A 247 23.15 -10.90 19.82
C LEU A 247 22.95 -9.56 20.53
N ALA A 248 22.06 -9.57 21.53
CA ALA A 248 21.83 -8.42 22.42
C ALA A 248 23.12 -7.88 23.06
N ASN A 249 23.90 -8.77 23.66
CA ASN A 249 25.16 -8.39 24.30
C ASN A 249 26.18 -7.77 23.32
N LYS A 250 26.10 -8.13 22.04
CA LYS A 250 26.97 -7.55 21.00
C LYS A 250 26.52 -6.17 20.51
N MET A 251 25.37 -5.68 20.97
CA MET A 251 24.90 -4.36 20.55
C MET A 251 25.59 -3.24 21.34
N LYS A 252 25.62 -2.04 20.78
CA LYS A 252 26.19 -0.88 21.48
C LYS A 252 25.41 -0.59 22.76
N LYS A 253 26.09 0.03 23.73
CA LYS A 253 25.52 0.32 25.04
C LYS A 253 24.15 1.03 24.95
N ASP A 254 24.07 2.03 24.06
CA ASP A 254 22.90 2.91 23.97
C ASP A 254 21.82 2.44 22.96
N SER A 255 22.03 1.25 22.39
CA SER A 255 21.12 0.69 21.40
C SER A 255 19.82 0.11 21.95
N ILE A 256 18.79 0.06 21.10
CA ILE A 256 17.50 -0.48 21.50
C ILE A 256 16.98 -1.58 20.57
N ILE A 257 16.25 -2.52 21.18
CA ILE A 257 15.57 -3.59 20.45
C ILE A 257 14.06 -3.37 20.49
N LEU A 258 13.48 -3.28 19.30
CA LEU A 258 12.03 -3.10 19.14
C LEU A 258 11.39 -4.30 18.49
N HIS A 259 10.09 -4.46 18.78
CA HIS A 259 9.24 -5.46 18.15
C HIS A 259 7.76 -5.07 18.36
N PRO A 260 6.98 -4.96 17.26
CA PRO A 260 5.56 -4.69 17.43
C PRO A 260 4.90 -6.01 17.83
N LEU A 261 4.37 -6.09 19.03
CA LEU A 261 3.89 -7.41 19.48
C LEU A 261 2.69 -7.98 18.64
N PRO A 262 2.27 -9.22 18.90
CA PRO A 262 2.79 -10.23 19.82
C PRO A 262 4.12 -10.80 19.32
N ARG A 263 4.90 -11.38 20.24
CA ARG A 263 6.04 -12.21 19.85
C ARG A 263 5.59 -13.64 20.06
N VAL A 264 6.26 -14.56 19.40
CA VAL A 264 6.16 -15.97 19.74
C VAL A 264 7.51 -16.41 20.37
N ASN A 265 8.48 -16.78 19.54
CA ASN A 265 9.77 -17.26 19.99
C ASN A 265 10.96 -16.57 19.33
N GLU A 266 10.67 -15.50 18.59
CA GLU A 266 11.71 -14.80 17.83
C GLU A 266 12.60 -13.89 18.70
N ILE A 267 12.21 -13.65 19.95
CA ILE A 267 13.09 -13.00 20.91
C ILE A 267 13.28 -13.95 22.08
N ASP A 268 14.54 -14.23 22.40
CA ASP A 268 14.91 -14.90 23.64
C ASP A 268 14.42 -14.05 24.81
N ARG A 269 13.65 -14.67 25.72
CA ARG A 269 13.02 -13.95 26.83
C ARG A 269 13.99 -13.40 27.88
N LYS A 270 15.24 -13.81 27.78
CA LYS A 270 16.26 -13.27 28.70
C LYS A 270 16.59 -11.82 28.33
N VAL A 271 16.43 -11.50 27.04
CA VAL A 271 16.62 -10.15 26.51
C VAL A 271 15.75 -9.12 27.27
N ASP A 272 14.54 -9.54 27.62
CA ASP A 272 13.59 -8.75 28.43
C ASP A 272 14.25 -8.02 29.58
N LYS A 273 15.19 -8.68 30.24
CA LYS A 273 15.81 -8.14 31.45
C LYS A 273 16.99 -7.19 31.18
N THR A 274 17.50 -7.16 29.95
CA THR A 274 18.54 -6.21 29.59
C THR A 274 17.95 -4.83 29.39
N THR A 275 18.76 -3.78 29.58
CA THR A 275 18.25 -2.43 29.42
C THR A 275 18.01 -2.07 27.94
N LYS A 276 18.50 -2.89 27.01
CA LYS A 276 18.32 -2.66 25.56
C LYS A 276 16.92 -2.99 25.04
N ALA A 277 16.21 -3.85 25.79
CA ALA A 277 14.85 -4.27 25.42
C ALA A 277 13.91 -3.09 25.52
N LYS A 278 13.27 -2.76 24.41
CA LYS A 278 12.41 -1.60 24.37
C LYS A 278 11.00 -1.91 23.86
N TYR A 279 10.72 -3.18 23.58
CA TYR A 279 9.45 -3.59 22.96
C TYR A 279 8.25 -3.43 23.91
N PHE A 280 8.48 -3.58 25.21
CA PHE A 280 7.42 -3.35 26.18
C PHE A 280 7.09 -1.86 26.33
N GLU A 281 8.11 -1.02 26.29
CA GLU A 281 7.91 0.41 26.29
C GLU A 281 7.20 0.86 25.01
N GLN A 282 7.57 0.23 23.90
CA GLN A 282 6.99 0.47 22.61
C GLN A 282 5.47 0.23 22.63
N ALA A 283 5.07 -0.89 23.22
CA ALA A 283 3.63 -1.21 23.24
C ALA A 283 2.88 -0.23 24.14
N SER A 284 3.55 0.29 25.17
CA SER A 284 2.94 1.16 26.17
C SER A 284 2.69 2.57 25.63
N TYR A 285 3.30 2.91 24.51
CA TYR A 285 3.00 4.18 23.84
C TYR A 285 1.84 4.08 22.84
N GLY A 286 1.36 2.85 22.61
CA GLY A 286 0.29 2.60 21.66
C GLY A 286 -0.89 3.52 21.86
N VAL A 287 -1.43 3.54 23.08
CA VAL A 287 -2.56 4.40 23.44
C VAL A 287 -2.28 5.92 23.23
N PRO A 288 -1.29 6.48 23.94
CA PRO A 288 -1.07 7.92 23.77
C PRO A 288 -0.76 8.34 22.33
N VAL A 289 0.00 7.53 21.60
CA VAL A 289 0.24 7.84 20.18
C VAL A 289 -1.08 7.85 19.40
N ARG A 290 -1.95 6.89 19.67
CA ARG A 290 -3.17 6.83 18.89
C ARG A 290 -4.15 7.90 19.36
N MET A 291 -4.12 8.20 20.64
CA MET A 291 -4.79 9.41 21.12
C MET A 291 -4.35 10.62 20.30
N SER A 292 -3.04 10.74 20.09
CA SER A 292 -2.46 11.86 19.37
C SER A 292 -2.98 11.96 17.93
N ILE A 293 -2.92 10.84 17.21
CA ILE A 293 -3.38 10.78 15.83
C ILE A 293 -4.86 11.18 15.78
N LEU A 294 -5.66 10.67 16.71
CA LEU A 294 -7.07 11.00 16.77
C LEU A 294 -7.24 12.49 17.01
N THR A 295 -6.43 13.04 17.91
CA THR A 295 -6.42 14.47 18.19
C THR A 295 -6.11 15.33 16.95
N LYS A 296 -5.20 14.87 16.10
CA LYS A 296 -4.92 15.63 14.88
C LYS A 296 -6.10 15.53 13.89
N ILE A 297 -6.73 14.36 13.82
CA ILE A 297 -7.90 14.21 12.95
C ILE A 297 -9.14 14.99 13.41
N TYR A 298 -9.44 15.00 14.71
CA TYR A 298 -10.72 15.56 15.21
C TYR A 298 -10.59 16.78 16.08
N GLY A 299 -9.40 17.04 16.59
CA GLY A 299 -9.24 18.11 17.56
C GLY A 299 -8.46 19.33 17.10
N GLU A 300 -8.31 19.48 15.77
CA GLU A 300 -7.61 20.65 15.25
C GLU A 300 -8.31 21.32 14.07
N MET B 15 -10.23 -1.33 -47.51
CA MET B 15 -11.24 -2.35 -47.92
C MET B 15 -12.62 -2.03 -47.33
N VAL B 16 -12.68 -1.12 -46.36
CA VAL B 16 -13.97 -0.59 -45.89
C VAL B 16 -14.16 0.87 -46.32
N SER B 17 -15.38 1.19 -46.73
CA SER B 17 -15.69 2.56 -47.21
C SER B 17 -15.36 3.63 -46.17
N LYS B 18 -15.18 4.84 -46.67
CA LYS B 18 -14.91 6.01 -45.84
C LYS B 18 -16.13 6.36 -44.96
N ILE B 19 -15.86 7.09 -43.89
CA ILE B 19 -16.86 7.36 -42.86
C ILE B 19 -17.24 8.84 -42.92
N LYS B 20 -18.55 9.13 -42.79
CA LYS B 20 -19.00 10.51 -42.84
C LYS B 20 -18.56 11.25 -41.59
N ASN B 21 -18.90 10.70 -40.41
CA ASN B 21 -18.49 11.29 -39.14
C ASN B 21 -18.11 10.26 -38.09
N GLY B 22 -16.95 10.44 -37.46
CA GLY B 22 -16.56 9.60 -36.33
C GLY B 22 -15.06 9.42 -36.10
N THR B 23 -14.67 8.21 -35.69
CA THR B 23 -13.28 7.90 -35.34
C THR B 23 -12.75 6.75 -36.17
N VAL B 24 -11.55 6.90 -36.69
CA VAL B 24 -10.87 5.82 -37.37
C VAL B 24 -9.61 5.53 -36.62
N ILE B 25 -9.49 4.29 -36.18
CA ILE B 25 -8.29 3.81 -35.52
C ILE B 25 -7.60 2.89 -36.52
N ASP B 26 -6.49 3.39 -37.06
CA ASP B 26 -5.69 2.72 -38.09
C ASP B 26 -4.42 2.17 -37.44
N HIS B 27 -3.70 1.33 -38.17
CA HIS B 27 -2.41 0.80 -37.75
C HIS B 27 -2.42 0.04 -36.43
N ILE B 28 -3.49 -0.73 -36.22
CA ILE B 28 -3.57 -1.68 -35.13
C ILE B 28 -2.80 -2.91 -35.58
N PRO B 29 -1.94 -3.49 -34.71
CA PRO B 29 -1.39 -4.78 -35.09
C PRO B 29 -2.48 -5.76 -35.56
N ALA B 30 -2.13 -6.56 -36.57
CA ALA B 30 -2.98 -7.62 -37.11
C ALA B 30 -3.59 -8.48 -36.00
N GLY B 31 -4.90 -8.69 -36.08
CA GLY B 31 -5.59 -9.55 -35.11
C GLY B 31 -6.07 -8.86 -33.84
N ARG B 32 -5.64 -7.62 -33.61
CA ARG B 32 -5.90 -6.99 -32.30
C ARG B 32 -7.08 -6.04 -32.22
N ALA B 33 -7.83 -5.88 -33.32
CA ALA B 33 -8.96 -4.97 -33.36
C ALA B 33 -9.99 -5.30 -32.30
N PHE B 34 -10.25 -6.60 -32.11
CA PHE B 34 -11.25 -7.03 -31.13
C PHE B 34 -10.86 -6.57 -29.76
N ALA B 35 -9.55 -6.65 -29.46
CA ALA B 35 -9.03 -6.18 -28.18
C ALA B 35 -9.13 -4.67 -28.01
N VAL B 36 -8.95 -3.90 -29.10
CA VAL B 36 -9.12 -2.44 -29.09
C VAL B 36 -10.56 -2.06 -28.66
N LEU B 37 -11.57 -2.66 -29.28
CA LEU B 37 -12.98 -2.47 -28.91
C LEU B 37 -13.25 -2.79 -27.44
N ASN B 38 -12.75 -3.93 -26.96
CA ASN B 38 -12.83 -4.27 -25.53
C ASN B 38 -12.24 -3.17 -24.69
N VAL B 39 -11.01 -2.79 -25.01
CA VAL B 39 -10.32 -1.70 -24.34
C VAL B 39 -11.20 -0.43 -24.27
N LEU B 40 -12.01 -0.20 -25.30
CA LEU B 40 -12.85 1.00 -25.36
C LEU B 40 -14.23 0.82 -24.75
N GLY B 41 -14.57 -0.38 -24.31
CA GLY B 41 -15.92 -0.67 -23.84
C GLY B 41 -17.01 -0.78 -24.89
N ILE B 42 -16.62 -0.86 -26.16
CA ILE B 42 -17.57 -0.91 -27.28
C ILE B 42 -17.83 -2.35 -27.72
N LYS B 43 -19.04 -2.84 -27.45
CA LYS B 43 -19.49 -4.21 -27.81
C LYS B 43 -20.83 -4.48 -27.11
N GLU B 46 -23.01 0.17 -28.39
CA GLU B 46 -24.24 -0.20 -29.11
C GLU B 46 -25.09 0.98 -29.59
N GLY B 47 -25.74 0.76 -30.74
CA GLY B 47 -26.49 1.79 -31.45
C GLY B 47 -25.77 2.16 -32.73
N PHE B 48 -24.56 2.71 -32.57
CA PHE B 48 -23.75 3.28 -33.66
C PHE B 48 -23.01 2.25 -34.53
N ARG B 49 -22.88 2.58 -35.81
CA ARG B 49 -22.20 1.75 -36.78
C ARG B 49 -20.75 1.52 -36.39
N ILE B 50 -20.27 0.30 -36.60
CA ILE B 50 -18.86 -0.01 -36.45
C ILE B 50 -18.39 -0.85 -37.64
N ALA B 51 -17.20 -0.55 -38.14
CA ALA B 51 -16.57 -1.39 -39.14
C ALA B 51 -15.18 -1.82 -38.66
N LEU B 52 -14.85 -3.10 -38.89
CA LEU B 52 -13.50 -3.56 -38.74
C LEU B 52 -13.05 -4.29 -40.00
N VAL B 53 -11.77 -4.13 -40.33
CA VAL B 53 -11.11 -5.03 -41.25
C VAL B 53 -9.94 -5.64 -40.50
N ILE B 54 -9.75 -6.95 -40.67
CA ILE B 54 -8.72 -7.63 -39.92
C ILE B 54 -7.76 -8.36 -40.85
N ASN B 55 -6.46 -8.20 -40.57
CA ASN B 55 -5.39 -8.85 -41.32
C ASN B 55 -5.17 -8.27 -42.71
N VAL B 56 -5.54 -7.01 -42.91
CA VAL B 56 -5.31 -6.37 -44.19
C VAL B 56 -3.85 -5.94 -44.33
N ASP B 57 -3.44 -5.69 -45.58
CA ASP B 57 -2.07 -5.28 -45.91
C ASP B 57 -1.73 -3.94 -45.30
N SER B 58 -0.46 -3.82 -44.95
CA SER B 58 0.07 -2.59 -44.41
C SER B 58 1.46 -2.51 -44.96
N LYS B 59 1.77 -1.41 -45.64
CA LYS B 59 3.10 -1.22 -46.20
C LYS B 59 4.17 -1.15 -45.12
N LYS B 60 3.90 -0.46 -44.01
CA LYS B 60 4.90 -0.27 -42.97
C LYS B 60 4.93 -1.38 -41.90
N MET B 61 3.82 -2.09 -41.74
CA MET B 61 3.70 -3.10 -40.65
C MET B 61 3.59 -4.54 -41.12
N GLY B 62 3.48 -4.74 -42.44
CA GLY B 62 3.17 -6.06 -43.01
C GLY B 62 1.67 -6.30 -43.03
N LYS B 63 1.11 -6.60 -41.86
CA LYS B 63 -0.35 -6.68 -41.72
C LYS B 63 -0.85 -5.69 -40.67
N LYS B 64 -2.11 -5.32 -40.78
CA LYS B 64 -2.75 -4.48 -39.77
C LYS B 64 -4.27 -4.73 -39.65
N ASP B 65 -4.90 -4.05 -38.70
CA ASP B 65 -6.34 -4.02 -38.51
C ASP B 65 -6.73 -2.55 -38.53
N ILE B 66 -7.95 -2.27 -38.98
CA ILE B 66 -8.51 -0.95 -38.90
C ILE B 66 -9.88 -1.01 -38.24
N VAL B 67 -10.13 -0.08 -37.32
CA VAL B 67 -11.44 0.07 -36.72
C VAL B 67 -12.05 1.43 -37.11
N LYS B 68 -13.35 1.43 -37.37
CA LYS B 68 -14.06 2.64 -37.70
C LYS B 68 -15.35 2.68 -36.90
N ILE B 69 -15.50 3.73 -36.10
CA ILE B 69 -16.69 3.91 -35.28
C ILE B 69 -17.38 5.16 -35.75
N GLU B 70 -18.57 5.00 -36.34
CA GLU B 70 -19.38 6.16 -36.71
C GLU B 70 -19.89 6.89 -35.49
N ASP B 71 -20.03 8.21 -35.66
CA ASP B 71 -20.79 9.07 -34.76
C ASP B 71 -20.27 9.14 -33.33
N LYS B 72 -19.03 8.75 -33.15
CA LYS B 72 -18.38 8.84 -31.86
C LYS B 72 -16.96 9.36 -32.06
N GLU B 73 -16.63 10.40 -31.31
CA GLU B 73 -15.26 10.90 -31.29
C GLU B 73 -14.56 10.46 -30.01
N ILE B 74 -13.66 9.50 -30.13
CA ILE B 74 -12.86 9.03 -29.02
C ILE B 74 -12.00 10.16 -28.44
N SER B 75 -12.02 10.30 -27.12
CA SER B 75 -11.23 11.31 -26.43
C SER B 75 -9.76 10.88 -26.35
N ASP B 76 -8.87 11.84 -26.10
CA ASP B 76 -7.48 11.55 -25.79
C ASP B 76 -7.33 10.56 -24.63
N THR B 77 -8.28 10.58 -23.70
CA THR B 77 -8.25 9.65 -22.58
C THR B 77 -8.55 8.24 -23.05
N GLU B 78 -9.73 8.03 -23.62
CA GLU B 78 -10.11 6.76 -24.22
C GLU B 78 -9.02 6.27 -25.16
N ALA B 79 -8.52 7.17 -26.02
CA ALA B 79 -7.49 6.84 -27.01
C ALA B 79 -6.21 6.29 -26.42
N ASN B 80 -5.66 6.95 -25.40
CA ASN B 80 -4.43 6.48 -24.75
C ASN B 80 -4.51 5.05 -24.21
N LEU B 81 -5.70 4.59 -23.82
CA LEU B 81 -5.87 3.19 -23.44
C LEU B 81 -5.47 2.21 -24.56
N ILE B 82 -5.61 2.65 -25.82
CA ILE B 82 -5.25 1.82 -26.97
C ILE B 82 -3.75 1.50 -27.02
N THR B 83 -2.93 2.45 -26.54
CA THR B 83 -1.47 2.32 -26.61
C THR B 83 -0.95 1.11 -25.86
N LEU B 84 -1.74 0.62 -24.91
CA LEU B 84 -1.43 -0.57 -24.13
C LEU B 84 -1.30 -1.82 -24.98
N ILE B 85 -2.06 -1.88 -26.06
CA ILE B 85 -2.04 -3.05 -26.96
C ILE B 85 -1.73 -2.71 -28.40
N ALA B 86 -1.85 -1.43 -28.75
CA ALA B 86 -1.60 -0.99 -30.11
C ALA B 86 -0.84 0.33 -30.12
N PRO B 87 0.40 0.34 -29.58
CA PRO B 87 1.13 1.62 -29.45
C PRO B 87 1.45 2.25 -30.82
N THR B 88 1.50 1.42 -31.86
CA THR B 88 1.66 1.91 -33.23
C THR B 88 0.44 2.68 -33.73
N ALA B 89 -0.71 2.49 -33.09
CA ALA B 89 -1.98 2.92 -33.67
C ALA B 89 -2.04 4.42 -33.93
N THR B 90 -2.88 4.81 -34.87
CA THR B 90 -3.09 6.21 -35.16
C THR B 90 -4.59 6.46 -35.13
N ILE B 91 -4.95 7.59 -34.53
CA ILE B 91 -6.33 7.88 -34.26
C ILE B 91 -6.71 9.10 -35.09
N ASN B 92 -7.71 8.96 -35.93
CA ASN B 92 -8.19 10.03 -36.75
C ASN B 92 -9.62 10.35 -36.39
N ILE B 93 -9.89 11.62 -36.15
CA ILE B 93 -11.26 12.06 -35.92
C ILE B 93 -11.78 12.60 -37.25
N VAL B 94 -12.94 12.12 -37.67
CA VAL B 94 -13.48 12.42 -38.98
C VAL B 94 -14.80 13.19 -38.91
N ARG B 95 -14.84 14.34 -39.60
CA ARG B 95 -16.05 15.18 -39.69
C ARG B 95 -16.34 15.64 -41.10
N GLU B 96 -17.58 15.42 -41.53
CA GLU B 96 -18.06 15.76 -42.87
C GLU B 96 -17.24 15.08 -43.98
N TYR B 97 -16.54 14.00 -43.60
CA TYR B 97 -15.62 13.25 -44.49
C TYR B 97 -14.16 13.70 -44.36
N GLU B 98 -13.90 14.85 -43.75
CA GLU B 98 -12.53 15.33 -43.58
C GLU B 98 -11.98 14.92 -42.21
N VAL B 99 -10.74 14.40 -42.23
CA VAL B 99 -10.00 14.10 -41.00
C VAL B 99 -9.61 15.43 -40.33
N VAL B 100 -10.27 15.76 -39.22
CA VAL B 100 -10.06 17.06 -38.58
C VAL B 100 -9.00 17.06 -37.47
N LYS B 101 -8.42 15.89 -37.20
CA LYS B 101 -7.52 15.70 -36.06
C LYS B 101 -6.79 14.35 -36.16
N LYS B 102 -5.51 14.34 -35.86
CA LYS B 102 -4.67 13.13 -35.84
C LYS B 102 -3.91 13.01 -34.51
N THR B 103 -4.59 12.51 -33.49
CA THR B 103 -4.13 12.38 -32.11
C THR B 103 -2.72 11.80 -31.89
N LYS B 104 -1.96 12.41 -30.97
CA LYS B 104 -0.69 11.83 -30.52
C LYS B 104 -0.96 10.87 -29.37
N LEU B 105 -0.87 9.57 -29.66
CA LEU B 105 -1.03 8.53 -28.64
C LEU B 105 0.08 8.55 -27.59
N GLU B 106 -0.31 8.57 -26.33
CA GLU B 106 0.63 8.54 -25.21
C GLU B 106 0.28 7.42 -24.25
N VAL B 107 1.26 6.98 -23.49
CA VAL B 107 1.05 6.00 -22.44
C VAL B 107 0.19 6.64 -21.36
N PRO B 108 -0.97 6.03 -21.05
CA PRO B 108 -1.89 6.68 -20.09
C PRO B 108 -1.32 6.62 -18.67
N LYS B 109 -1.55 7.67 -17.89
CA LYS B 109 -1.05 7.73 -16.52
C LYS B 109 -1.69 6.69 -15.61
N VAL B 110 -3.01 6.54 -15.77
CA VAL B 110 -3.84 5.71 -14.89
C VAL B 110 -4.72 4.79 -15.75
N VAL B 111 -4.87 3.54 -15.31
CA VAL B 111 -5.76 2.60 -15.99
C VAL B 111 -6.75 2.00 -14.99
N LYS B 112 -8.00 2.40 -15.13
CA LYS B 112 -9.07 2.01 -14.26
C LYS B 112 -9.97 1.08 -15.04
N GLY B 113 -10.18 -0.14 -14.53
CA GLY B 113 -11.17 -1.04 -15.12
C GLY B 113 -10.60 -2.09 -16.06
N ILE B 114 -9.73 -1.67 -16.98
CA ILE B 114 -9.27 -2.60 -18.02
C ILE B 114 -8.41 -3.75 -17.47
N LEU B 115 -7.49 -3.44 -16.57
CA LEU B 115 -6.53 -4.43 -16.08
C LEU B 115 -6.89 -4.89 -14.67
N LYS B 116 -6.84 -6.19 -14.44
CA LYS B 116 -7.04 -6.75 -13.11
C LYS B 116 -5.71 -6.86 -12.32
N CYS B 117 -5.81 -6.92 -11.01
CA CYS B 117 -4.61 -7.06 -10.19
C CYS B 117 -4.31 -8.54 -9.95
N PRO B 118 -3.08 -8.97 -10.29
CA PRO B 118 -2.72 -10.39 -10.07
C PRO B 118 -2.67 -10.79 -8.59
N ASN B 119 -2.61 -9.84 -7.66
CA ASN B 119 -2.64 -10.17 -6.23
C ASN B 119 -4.02 -10.67 -5.78
N PRO B 120 -4.14 -11.98 -5.46
CA PRO B 120 -5.45 -12.50 -5.07
C PRO B 120 -5.98 -11.86 -3.79
N TYR B 121 -5.09 -11.24 -3.01
CA TYR B 121 -5.44 -10.58 -1.75
C TYR B 121 -5.73 -9.10 -1.90
N CYS B 122 -5.53 -8.57 -3.11
CA CYS B 122 -5.87 -7.19 -3.38
C CYS B 122 -7.37 -7.01 -3.22
N ILE B 123 -7.75 -5.94 -2.54
CA ILE B 123 -9.13 -5.57 -2.38
C ILE B 123 -9.88 -5.49 -3.75
N THR B 124 -9.19 -5.01 -4.78
CA THR B 124 -9.76 -4.96 -6.14
C THR B 124 -10.04 -6.34 -6.74
N SER B 125 -9.48 -7.40 -6.15
CA SER B 125 -9.71 -8.79 -6.60
C SER B 125 -10.85 -9.45 -5.81
N ASN B 126 -11.53 -8.68 -4.96
CA ASN B 126 -12.50 -9.29 -4.06
C ASN B 126 -13.81 -8.49 -3.94
N ASP B 127 -13.71 -7.17 -3.93
CA ASP B 127 -14.89 -6.35 -3.83
C ASP B 127 -15.28 -5.90 -5.23
N VAL B 128 -16.48 -6.32 -5.69
CA VAL B 128 -16.99 -5.91 -7.02
C VAL B 128 -16.95 -4.42 -7.28
N GLU B 129 -17.15 -3.62 -6.23
CA GLU B 129 -17.14 -2.16 -6.37
C GLU B 129 -15.73 -1.61 -6.27
N ALA B 130 -14.79 -2.45 -5.91
CA ALA B 130 -13.42 -2.02 -5.80
C ALA B 130 -12.75 -2.21 -7.17
N ILE B 131 -12.81 -1.17 -7.99
CA ILE B 131 -12.36 -1.26 -9.37
C ILE B 131 -10.84 -1.17 -9.52
N PRO B 132 -10.24 -2.21 -10.12
CA PRO B 132 -8.79 -2.26 -10.33
C PRO B 132 -8.24 -0.96 -10.94
N THR B 133 -7.12 -0.48 -10.41
CA THR B 133 -6.58 0.81 -10.82
C THR B 133 -5.06 0.74 -10.82
N PHE B 134 -4.48 1.04 -11.97
CA PHE B 134 -3.03 0.99 -12.11
C PHE B 134 -2.49 2.34 -12.52
N LYS B 135 -1.39 2.74 -11.89
CA LYS B 135 -0.73 3.98 -12.20
C LYS B 135 0.58 3.58 -12.88
N THR B 136 0.84 4.16 -14.04
CA THR B 136 2.08 3.93 -14.79
C THR B 136 3.26 4.40 -13.93
N LEU B 137 4.24 3.52 -13.73
CA LEU B 137 5.39 3.84 -12.90
C LEU B 137 6.56 4.33 -13.77
N THR B 138 6.87 3.59 -14.84
CA THR B 138 7.82 4.01 -15.88
C THR B 138 7.24 3.69 -17.27
N GLU B 139 7.39 4.61 -18.22
CA GLU B 139 6.92 4.39 -19.59
C GLU B 139 7.95 3.56 -20.33
N LYS B 140 9.22 3.83 -20.00
CA LYS B 140 10.44 3.30 -20.62
C LYS B 140 10.35 1.78 -20.88
N PRO B 141 10.97 0.93 -20.02
CA PRO B 141 10.30 -0.38 -19.93
C PRO B 141 8.95 -0.18 -19.19
N LEU B 142 7.83 -0.49 -19.84
CA LEU B 142 6.50 -0.24 -19.21
C LEU B 142 6.19 -1.08 -17.95
N LYS B 143 6.13 -0.38 -16.80
CA LYS B 143 5.80 -0.98 -15.52
C LYS B 143 4.65 -0.18 -14.95
N MET B 144 3.59 -0.87 -14.51
CA MET B 144 2.47 -0.20 -13.85
C MET B 144 2.29 -0.73 -12.43
N ARG B 145 1.73 0.09 -11.56
CA ARG B 145 1.62 -0.23 -10.15
C ARG B 145 0.17 -0.16 -9.69
N CYS B 146 -0.32 -1.22 -9.06
CA CYS B 146 -1.67 -1.23 -8.46
C CYS B 146 -1.74 -0.19 -7.35
N GLU B 147 -2.73 0.69 -7.42
CA GLU B 147 -2.83 1.80 -6.46
C GLU B 147 -3.29 1.39 -5.06
N TYR B 148 -3.77 0.16 -4.94
CA TYR B 148 -4.27 -0.34 -3.67
C TYR B 148 -3.23 -1.14 -2.92
N CYS B 149 -2.56 -2.05 -3.62
CA CYS B 149 -1.66 -3.00 -2.97
C CYS B 149 -0.21 -2.88 -3.43
N GLU B 150 0.05 -2.02 -4.42
CA GLU B 150 1.43 -1.75 -4.88
C GLU B 150 2.04 -2.86 -5.73
N THR B 151 1.26 -3.86 -6.11
CA THR B 151 1.77 -4.87 -7.04
C THR B 151 2.12 -4.24 -8.38
N ILE B 152 3.24 -4.70 -8.95
CA ILE B 152 3.75 -4.16 -10.21
C ILE B 152 3.46 -5.14 -11.34
N ILE B 153 2.99 -4.61 -12.46
CA ILE B 153 2.84 -5.42 -13.67
C ILE B 153 3.64 -4.86 -14.83
N ASP B 154 4.19 -5.76 -15.65
CA ASP B 154 4.96 -5.38 -16.85
C ASP B 154 4.14 -5.50 -18.14
N GLU B 155 4.73 -5.08 -19.27
CA GLU B 155 4.05 -5.08 -20.58
C GLU B 155 3.52 -6.47 -20.92
N ASN B 156 4.27 -7.50 -20.56
CA ASN B 156 3.86 -8.89 -20.77
C ASN B 156 2.54 -9.18 -20.09
N GLU B 157 2.48 -8.91 -18.80
CA GLU B 157 1.30 -9.26 -18.03
C GLU B 157 0.11 -8.46 -18.56
N ILE B 158 0.40 -7.23 -18.97
CA ILE B 158 -0.58 -6.31 -19.49
C ILE B 158 -1.19 -6.86 -20.79
N MET B 159 -0.33 -7.18 -21.74
CA MET B 159 -0.75 -7.72 -23.02
C MET B 159 -1.38 -9.10 -22.93
N SER B 160 -0.84 -9.96 -22.07
CA SER B 160 -1.47 -11.26 -21.84
C SER B 160 -2.82 -11.17 -21.14
N GLN B 161 -3.09 -10.06 -20.45
CA GLN B 161 -4.41 -9.84 -19.89
C GLN B 161 -5.47 -9.46 -20.90
N ILE B 162 -5.11 -8.62 -21.86
CA ILE B 162 -6.06 -8.06 -22.83
C ILE B 162 -6.14 -8.90 -24.09
N LEU B 163 -4.98 -9.32 -24.61
CA LEU B 163 -4.95 -10.12 -25.83
C LEU B 163 -5.34 -11.57 -25.57
N GLY B 164 -4.89 -12.11 -24.44
CA GLY B 164 -5.07 -13.53 -24.12
C GLY B 164 -3.79 -14.16 -23.61
#